data_1K92
#
_entry.id   1K92
#
_cell.length_a   79.699
_cell.length_b   105.837
_cell.length_c   127.333
_cell.angle_alpha   90.00
_cell.angle_beta   90.00
_cell.angle_gamma   90.00
#
_symmetry.space_group_name_H-M   'I 2 2 2'
#
loop_
_entity.id
_entity.type
_entity.pdbx_description
1 polymer 'ARGININOSUCCINATE SYNTHASE'
2 non-polymer 'SULFATE ION'
3 non-polymer GLYCEROL
4 water water
#
_entity_poly.entity_id   1
_entity_poly.type   'polypeptide(L)'
_entity_poly.pdbx_seq_one_letter_code
;TTILKHLPVGQRIGIAFSGGLDTSAALLWMRQKGAVPYAYTANLGQPDEEDYDAIPRRAMEYGAENARLIDCRKQLVAEG
IAAIQCGAFHNTTGGLTYFNTTPLGRAVTGTMLVAAMKEDGVNIWGDGSTYKGNDIERFYRYGLLTNAELQIYKPWLDTD
FIDELGGRHEMSEFMIACGFDYKMSVEKAYSTDSNMLGATHEAKDLEYLNSSVKIVNPIMGVKFWDESVKIPAEEVTVRF
EQGHPVALNGKTFSDDVEMMLEANRIGGRHGLGMSDQIENRIIEAKSRGIYEAPGMALLHIAYERLLTGIHNEDTIEQYH
AHGRQLGRLLYQGRWFDSQALMLRDSLQRWVASQITGEVTLELRRGNDYSILNTVSENLTYKPERLTMEKGDSVFSPDDR
IGQLTMRNLDITDTREKLFGYAKTGLLSSSAASGVPQVENLENKGQSVEHHHHHH
;
_entity_poly.pdbx_strand_id   A
#
loop_
_chem_comp.id
_chem_comp.type
_chem_comp.name
_chem_comp.formula
GOL non-polymer GLYCEROL 'C3 H8 O3'
SO4 non-polymer 'SULFATE ION' 'O4 S -2'
#
# COMPACT_ATOMS: atom_id res chain seq x y z
N THR A 1 23.71 19.40 14.14
CA THR A 1 22.96 19.45 12.86
C THR A 1 22.61 18.03 12.40
N THR A 2 21.35 17.82 12.02
CA THR A 2 20.91 16.51 11.58
C THR A 2 21.23 16.28 10.12
N ILE A 3 20.92 17.27 9.29
CA ILE A 3 21.19 17.18 7.87
C ILE A 3 22.57 17.74 7.59
N LEU A 4 23.36 16.99 6.82
CA LEU A 4 24.71 17.41 6.42
C LEU A 4 24.68 17.77 4.94
N LYS A 5 25.28 18.90 4.57
CA LYS A 5 25.31 19.33 3.18
C LYS A 5 26.66 19.07 2.54
N HIS A 6 27.65 18.72 3.35
CA HIS A 6 28.99 18.46 2.83
C HIS A 6 29.44 17.06 3.16
N LEU A 7 30.16 16.44 2.24
CA LEU A 7 30.64 15.09 2.45
C LEU A 7 31.50 15.06 3.71
N PRO A 8 31.16 14.20 4.67
CA PRO A 8 31.92 14.07 5.92
C PRO A 8 33.22 13.29 5.74
N VAL A 9 34.26 13.99 5.30
CA VAL A 9 35.56 13.36 5.06
C VAL A 9 36.14 12.64 6.28
N GLY A 10 36.66 11.45 6.03
CA GLY A 10 37.24 10.67 7.10
C GLY A 10 36.23 10.01 8.01
N GLN A 11 34.94 10.17 7.73
CA GLN A 11 33.95 9.52 8.60
C GLN A 11 33.21 8.38 7.92
N ARG A 12 32.64 7.50 8.72
CA ARG A 12 31.88 6.35 8.20
C ARG A 12 30.52 6.83 7.73
N ILE A 13 30.15 6.45 6.51
CA ILE A 13 28.86 6.84 5.98
C ILE A 13 28.16 5.63 5.36
N GLY A 14 26.90 5.41 5.74
CA GLY A 14 26.18 4.28 5.21
C GLY A 14 25.41 4.62 3.96
N ILE A 15 25.33 3.68 3.04
CA ILE A 15 24.59 3.87 1.79
C ILE A 15 23.68 2.66 1.60
N ALA A 16 22.40 2.94 1.29
CA ALA A 16 21.43 1.88 1.01
C ALA A 16 21.75 1.62 -0.45
N PHE A 17 22.56 0.58 -0.66
CA PHE A 17 23.09 0.22 -1.96
C PHE A 17 22.25 -0.71 -2.81
N SER A 18 21.54 -0.13 -3.77
CA SER A 18 20.66 -0.88 -4.64
C SER A 18 21.41 -1.58 -5.77
N GLY A 19 22.54 -1.01 -6.17
CA GLY A 19 23.33 -1.60 -7.24
C GLY A 19 23.15 -0.89 -8.57
N GLY A 20 22.26 0.09 -8.60
CA GLY A 20 22.06 0.84 -9.83
C GLY A 20 23.13 1.90 -10.02
N LEU A 21 23.03 2.64 -11.12
CA LEU A 21 24.02 3.67 -11.42
C LEU A 21 24.15 4.73 -10.32
N ASP A 22 23.03 5.24 -9.85
CA ASP A 22 23.07 6.27 -8.81
C ASP A 22 23.85 5.88 -7.56
N THR A 23 23.58 4.70 -7.00
CA THR A 23 24.29 4.32 -5.78
C THR A 23 25.72 3.83 -6.07
N SER A 24 25.95 3.30 -7.27
CA SER A 24 27.30 2.87 -7.63
C SER A 24 28.21 4.08 -7.77
N ALA A 25 27.76 5.08 -8.53
CA ALA A 25 28.56 6.28 -8.71
C ALA A 25 28.72 7.07 -7.41
N ALA A 26 27.66 7.16 -6.62
CA ALA A 26 27.76 7.89 -5.36
C ALA A 26 28.73 7.22 -4.38
N LEU A 27 28.69 5.90 -4.29
CA LEU A 27 29.59 5.21 -3.37
C LEU A 27 31.05 5.40 -3.79
N LEU A 28 31.31 5.25 -5.08
CA LEU A 28 32.68 5.42 -5.62
C LEU A 28 33.18 6.83 -5.34
N TRP A 29 32.32 7.82 -5.59
CA TRP A 29 32.64 9.23 -5.39
C TRP A 29 32.92 9.51 -3.92
N MET A 30 32.09 8.98 -3.02
CA MET A 30 32.30 9.19 -1.59
C MET A 30 33.63 8.60 -1.12
N ARG A 31 34.00 7.46 -1.66
CA ARG A 31 35.29 6.86 -1.28
C ARG A 31 36.43 7.72 -1.84
N GLN A 32 36.30 8.10 -3.11
CA GLN A 32 37.32 8.90 -3.77
C GLN A 32 37.57 10.23 -3.08
N LYS A 33 36.52 10.81 -2.50
CA LYS A 33 36.66 12.12 -1.84
C LYS A 33 37.06 12.04 -0.38
N GLY A 34 37.34 10.85 0.11
CA GLY A 34 37.81 10.75 1.49
C GLY A 34 36.91 10.20 2.57
N ALA A 35 35.66 9.89 2.24
CA ALA A 35 34.76 9.32 3.23
C ALA A 35 35.00 7.82 3.27
N VAL A 36 34.38 7.15 4.23
CA VAL A 36 34.52 5.71 4.37
C VAL A 36 33.12 5.13 4.27
N PRO A 37 32.67 4.82 3.04
CA PRO A 37 31.32 4.28 2.85
C PRO A 37 31.13 2.80 3.20
N TYR A 38 29.98 2.52 3.81
CA TYR A 38 29.59 1.16 4.16
C TYR A 38 28.30 0.94 3.40
N ALA A 39 28.23 -0.17 2.68
CA ALA A 39 27.04 -0.46 1.88
C ALA A 39 26.11 -1.47 2.53
N TYR A 40 24.81 -1.18 2.41
CA TYR A 40 23.77 -2.04 2.95
C TYR A 40 22.72 -2.25 1.85
N THR A 41 22.51 -3.51 1.48
CA THR A 41 21.55 -3.85 0.43
C THR A 41 20.40 -4.60 1.07
N ALA A 42 19.18 -4.12 0.88
CA ALA A 42 18.04 -4.82 1.48
C ALA A 42 17.51 -5.90 0.55
N ASN A 43 17.40 -7.12 1.05
CA ASN A 43 16.77 -8.18 0.27
C ASN A 43 15.29 -7.96 0.52
N LEU A 44 14.57 -7.47 -0.49
CA LEU A 44 13.14 -7.20 -0.35
C LEU A 44 12.32 -8.15 -1.21
N GLY A 45 12.96 -9.19 -1.75
CA GLY A 45 12.23 -10.12 -2.60
C GLY A 45 11.72 -9.43 -3.84
N GLN A 46 12.48 -8.48 -4.38
CA GLN A 46 12.05 -7.77 -5.58
C GLN A 46 11.80 -8.72 -6.74
N PRO A 47 10.64 -8.59 -7.38
CA PRO A 47 10.25 -9.44 -8.51
C PRO A 47 11.18 -9.44 -9.71
N ASP A 48 11.91 -8.35 -9.88
CA ASP A 48 12.84 -8.17 -10.99
C ASP A 48 14.30 -8.23 -10.55
N GLU A 49 14.58 -8.96 -9.48
CA GLU A 49 15.95 -9.13 -9.01
C GLU A 49 16.23 -10.61 -8.94
N GLU A 50 17.26 -11.06 -9.64
CA GLU A 50 17.60 -12.46 -9.67
C GLU A 50 18.93 -12.80 -9.02
N ASP A 51 19.69 -11.78 -8.62
CA ASP A 51 20.99 -12.05 -8.02
C ASP A 51 21.41 -11.04 -6.95
N TYR A 52 20.74 -11.09 -5.80
CA TYR A 52 21.05 -10.20 -4.69
C TYR A 52 22.49 -10.36 -4.19
N ASP A 53 23.03 -11.57 -4.21
CA ASP A 53 24.39 -11.76 -3.71
C ASP A 53 25.47 -11.00 -4.46
N ALA A 54 25.22 -10.72 -5.74
CA ALA A 54 26.20 -9.99 -6.54
C ALA A 54 26.29 -8.53 -6.14
N ILE A 55 25.23 -8.00 -5.53
CA ILE A 55 25.23 -6.58 -5.21
C ILE A 55 26.27 -6.13 -4.19
N PRO A 56 26.37 -6.80 -3.02
CA PRO A 56 27.38 -6.39 -2.04
C PRO A 56 28.78 -6.53 -2.65
N ARG A 57 28.96 -7.52 -3.53
CA ARG A 57 30.28 -7.69 -4.14
C ARG A 57 30.60 -6.51 -5.05
N ARG A 58 29.58 -5.97 -5.74
CA ARG A 58 29.79 -4.80 -6.58
C ARG A 58 30.11 -3.61 -5.66
N ALA A 59 29.44 -3.52 -4.51
CA ALA A 59 29.73 -2.40 -3.61
C ALA A 59 31.21 -2.46 -3.16
N MET A 60 31.70 -3.66 -2.83
CA MET A 60 33.11 -3.76 -2.43
C MET A 60 34.03 -3.33 -3.56
N GLU A 61 33.72 -3.76 -4.79
CA GLU A 61 34.55 -3.41 -5.93
C GLU A 61 34.62 -1.90 -6.16
N TYR A 62 33.52 -1.19 -5.89
CA TYR A 62 33.48 0.26 -6.06
C TYR A 62 34.04 1.07 -4.89
N GLY A 63 34.43 0.42 -3.80
CA GLY A 63 35.01 1.17 -2.69
C GLY A 63 34.43 1.01 -1.30
N ALA A 64 33.43 0.16 -1.14
CA ALA A 64 32.86 -0.01 0.19
C ALA A 64 33.86 -0.59 1.19
N GLU A 65 33.85 -0.05 2.42
CA GLU A 65 34.71 -0.54 3.50
C GLU A 65 34.21 -1.97 3.83
N ASN A 66 32.88 -2.12 3.87
CA ASN A 66 32.24 -3.41 4.07
C ASN A 66 30.89 -3.29 3.36
N ALA A 67 30.32 -4.42 2.97
CA ALA A 67 29.05 -4.42 2.26
C ALA A 67 28.25 -5.61 2.77
N ARG A 68 27.01 -5.36 3.18
CA ARG A 68 26.15 -6.38 3.74
C ARG A 68 24.82 -6.50 3.01
N LEU A 69 24.28 -7.72 2.99
CA LEU A 69 22.97 -8.00 2.42
C LEU A 69 22.10 -8.22 3.65
N ILE A 70 21.15 -7.30 3.88
CA ILE A 70 20.26 -7.37 5.04
C ILE A 70 18.94 -7.95 4.57
N ASP A 71 18.55 -9.11 5.09
CA ASP A 71 17.29 -9.73 4.64
C ASP A 71 16.12 -9.07 5.34
N CYS A 72 15.25 -8.45 4.55
CA CYS A 72 14.10 -7.75 5.09
C CYS A 72 12.79 -8.40 4.69
N ARG A 73 12.83 -9.56 4.04
CA ARG A 73 11.62 -10.21 3.57
C ARG A 73 10.64 -10.62 4.66
N LYS A 74 11.13 -11.19 5.74
CA LYS A 74 10.26 -11.63 6.82
C LYS A 74 9.51 -10.45 7.42
N GLN A 75 10.23 -9.35 7.65
CA GLN A 75 9.61 -8.16 8.26
C GLN A 75 8.66 -7.50 7.29
N LEU A 76 9.05 -7.44 6.02
CA LEU A 76 8.19 -6.83 5.01
C LEU A 76 6.85 -7.55 4.91
N VAL A 77 6.91 -8.89 4.82
CA VAL A 77 5.67 -9.64 4.72
C VAL A 77 4.84 -9.54 6.01
N ALA A 78 5.48 -9.46 7.16
CA ALA A 78 4.74 -9.32 8.41
C ALA A 78 3.97 -8.00 8.41
N GLU A 79 4.61 -6.92 7.94
CA GLU A 79 3.92 -5.63 7.91
C GLU A 79 2.85 -5.61 6.82
N GLY A 80 3.11 -6.29 5.71
CA GLY A 80 2.11 -6.36 4.63
C GLY A 80 0.89 -7.10 5.14
N ILE A 81 1.08 -8.22 5.87
CA ILE A 81 -0.07 -8.93 6.41
C ILE A 81 -0.83 -8.05 7.42
N ALA A 82 -0.10 -7.30 8.25
CA ALA A 82 -0.78 -6.41 9.19
C ALA A 82 -1.59 -5.39 8.40
N ALA A 83 -1.05 -4.87 7.30
CA ALA A 83 -1.80 -3.88 6.51
C ALA A 83 -3.11 -4.51 5.96
N ILE A 84 -3.05 -5.76 5.51
CA ILE A 84 -4.26 -6.45 5.03
C ILE A 84 -5.26 -6.58 6.18
N GLN A 85 -4.79 -7.02 7.34
CA GLN A 85 -5.67 -7.20 8.49
C GLN A 85 -6.36 -5.92 8.91
N CYS A 86 -5.69 -4.81 8.68
CA CYS A 86 -6.24 -3.50 9.07
C CYS A 86 -6.90 -2.71 7.96
N GLY A 87 -6.89 -3.24 6.73
CA GLY A 87 -7.45 -2.51 5.59
C GLY A 87 -6.76 -1.15 5.50
N ALA A 88 -5.45 -1.12 5.72
CA ALA A 88 -4.68 0.15 5.78
C ALA A 88 -4.32 0.72 4.42
N PHE A 89 -5.38 1.01 3.65
CA PHE A 89 -5.24 1.48 2.26
C PHE A 89 -6.21 2.65 2.10
N HIS A 90 -5.67 3.78 1.64
CA HIS A 90 -6.48 5.00 1.55
C HIS A 90 -6.60 5.55 0.14
N ASN A 91 -5.77 5.12 -0.80
CA ASN A 91 -5.89 5.65 -2.15
C ASN A 91 -6.68 4.64 -2.97
N THR A 92 -7.96 4.95 -3.19
CA THR A 92 -8.84 4.08 -3.93
C THR A 92 -9.55 4.91 -4.99
N THR A 93 -9.78 4.31 -6.15
CA THR A 93 -10.48 5.01 -7.23
C THR A 93 -11.48 4.03 -7.84
N GLY A 94 -12.75 4.38 -7.58
N GLY A 94 -12.77 4.30 -7.82
CA GLY A 94 -13.88 3.60 -8.01
CA GLY A 94 -13.69 3.35 -8.48
C GLY A 94 -13.82 2.24 -7.33
C GLY A 94 -13.48 1.84 -8.36
N GLY A 95 -13.24 2.21 -6.14
N GLY A 95 -13.26 1.36 -7.14
CA GLY A 95 -13.11 0.96 -5.42
CA GLY A 95 -13.07 -0.06 -6.94
C GLY A 95 -11.79 0.25 -5.61
C GLY A 95 -11.66 -0.60 -6.94
N LEU A 96 -11.03 0.62 -6.66
N LEU A 96 -10.70 0.22 -7.38
CA LEU A 96 -9.74 -0.02 -6.94
CA LEU A 96 -9.31 -0.23 -7.42
C LEU A 96 -8.73 0.57 -6.00
C LEU A 96 -8.43 0.51 -6.40
N THR A 97 -7.86 -0.29 -5.49
CA THR A 97 -6.98 0.13 -4.41
C THR A 97 -5.48 0.02 -4.61
N TYR A 98 -4.75 1.03 -4.12
CA TYR A 98 -3.29 0.97 -4.09
C TYR A 98 -3.00 0.37 -2.71
N PHE A 99 -2.21 -0.71 -2.68
CA PHE A 99 -1.93 -1.37 -1.40
C PHE A 99 -0.78 -0.82 -0.54
N ASN A 100 -0.41 0.44 -0.79
CA ASN A 100 0.61 1.11 0.03
C ASN A 100 1.90 0.31 0.16
N THR A 101 2.28 -0.31 -0.94
CA THR A 101 3.45 -1.19 -0.94
C THR A 101 4.79 -0.46 -0.80
N THR A 102 4.92 0.73 -1.40
CA THR A 102 6.16 1.48 -1.21
C THR A 102 6.22 1.96 0.27
N PRO A 103 5.13 2.55 0.81
CA PRO A 103 5.19 3.00 2.22
C PRO A 103 5.57 1.83 3.17
N LEU A 104 5.06 0.62 2.92
CA LEU A 104 5.41 -0.51 3.80
C LEU A 104 6.90 -0.85 3.65
N GLY A 105 7.39 -0.84 2.41
CA GLY A 105 8.80 -1.13 2.17
C GLY A 105 9.70 -0.13 2.86
N ARG A 106 9.32 1.16 2.84
CA ARG A 106 10.16 2.17 3.49
C ARG A 106 10.19 2.05 5.01
N ALA A 107 9.05 1.68 5.61
CA ALA A 107 8.99 1.53 7.07
C ALA A 107 9.98 0.44 7.48
N VAL A 108 10.07 -0.62 6.66
CA VAL A 108 10.95 -1.74 6.96
C VAL A 108 12.42 -1.42 6.66
N THR A 109 12.71 -0.87 5.49
CA THR A 109 14.12 -0.59 5.21
C THR A 109 14.67 0.62 5.94
N GLY A 110 13.83 1.64 6.15
CA GLY A 110 14.29 2.82 6.85
C GLY A 110 14.72 2.49 8.26
N THR A 111 14.05 1.54 8.88
CA THR A 111 14.44 1.14 10.22
C THR A 111 15.54 0.07 10.20
N MET A 112 15.37 -0.97 9.39
CA MET A 112 16.35 -2.07 9.39
C MET A 112 17.73 -1.71 8.89
N LEU A 113 17.82 -0.92 7.83
CA LEU A 113 19.16 -0.60 7.36
C LEU A 113 19.86 0.37 8.31
N VAL A 114 19.11 1.28 8.95
CA VAL A 114 19.75 2.20 9.87
C VAL A 114 20.18 1.44 11.14
N ALA A 115 19.41 0.42 11.50
CA ALA A 115 19.78 -0.36 12.68
C ALA A 115 21.05 -1.14 12.34
N ALA A 116 21.16 -1.63 11.10
CA ALA A 116 22.36 -2.37 10.69
C ALA A 116 23.56 -1.42 10.69
N MET A 117 23.38 -0.20 10.21
CA MET A 117 24.43 0.80 10.22
C MET A 117 24.88 1.09 11.65
N LYS A 118 23.91 1.29 12.55
CA LYS A 118 24.24 1.58 13.95
C LYS A 118 25.07 0.47 14.60
N GLU A 119 24.71 -0.76 14.26
CA GLU A 119 25.37 -1.94 14.77
C GLU A 119 26.84 -1.95 14.37
N ASP A 120 27.14 -1.34 13.23
CA ASP A 120 28.50 -1.26 12.70
C ASP A 120 29.21 0.05 13.05
N GLY A 121 28.63 0.85 13.94
CA GLY A 121 29.23 2.12 14.31
C GLY A 121 29.16 3.19 13.24
N VAL A 122 28.16 3.07 12.36
CA VAL A 122 27.95 4.01 11.27
C VAL A 122 26.75 4.85 11.69
N ASN A 123 27.00 6.14 11.90
CA ASN A 123 25.96 7.07 12.36
C ASN A 123 25.61 8.19 11.39
N ILE A 124 25.99 7.99 10.14
CA ILE A 124 25.68 8.94 9.10
C ILE A 124 25.14 8.12 7.95
N TRP A 125 24.01 8.54 7.39
CA TRP A 125 23.41 7.84 6.26
C TRP A 125 23.42 8.77 5.06
N GLY A 126 24.10 8.35 4.00
CA GLY A 126 24.14 9.14 2.78
C GLY A 126 22.95 8.67 1.96
N ASP A 127 21.84 9.38 2.11
CA ASP A 127 20.60 9.03 1.44
C ASP A 127 20.22 10.01 0.34
N GLY A 128 20.24 9.53 -0.89
CA GLY A 128 19.92 10.39 -2.02
C GLY A 128 18.44 10.63 -2.33
N SER A 129 17.51 10.10 -1.53
CA SER A 129 16.09 10.33 -1.81
C SER A 129 15.89 11.82 -2.14
N THR A 130 15.14 12.07 -3.21
CA THR A 130 14.96 13.42 -3.71
C THR A 130 14.03 14.38 -2.99
N TYR A 131 14.24 15.64 -3.26
CA TYR A 131 13.49 16.69 -2.60
C TYR A 131 12.02 16.85 -2.90
N LYS A 132 11.51 16.23 -3.96
CA LYS A 132 10.10 16.36 -4.31
C LYS A 132 9.24 15.15 -3.95
N GLY A 133 9.87 14.06 -3.52
CA GLY A 133 9.11 12.87 -3.22
C GLY A 133 8.68 12.65 -1.79
N ASN A 134 8.02 11.53 -1.57
CA ASN A 134 7.57 11.16 -0.23
C ASN A 134 8.69 10.48 0.55
N ASP A 135 9.54 9.73 -0.15
CA ASP A 135 10.56 8.97 0.56
C ASP A 135 11.55 9.78 1.37
N ILE A 136 11.89 10.98 0.92
CA ILE A 136 12.85 11.77 1.68
C ILE A 136 12.36 11.96 3.11
N GLU A 137 11.05 12.15 3.24
CA GLU A 137 10.44 12.35 4.55
C GLU A 137 10.24 11.05 5.33
N ARG A 138 9.85 9.99 4.63
CA ARG A 138 9.67 8.70 5.29
C ARG A 138 11.00 8.22 5.85
N PHE A 139 12.05 8.26 5.03
CA PHE A 139 13.36 7.80 5.49
C PHE A 139 13.91 8.66 6.62
N TYR A 140 13.68 9.96 6.54
CA TYR A 140 14.12 10.87 7.59
C TYR A 140 13.52 10.46 8.94
N ARG A 141 12.21 10.26 9.00
N ARG A 141 12.19 10.24 8.94
CA ARG A 141 11.67 9.90 10.30
CA ARG A 141 11.46 9.87 10.15
C ARG A 141 12.06 8.48 10.70
C ARG A 141 11.84 8.49 10.70
N TYR A 142 11.85 7.49 9.83
CA TYR A 142 12.18 6.13 10.26
C TYR A 142 13.64 6.03 10.71
N GLY A 143 14.54 6.72 10.00
CA GLY A 143 15.95 6.66 10.40
C GLY A 143 16.18 7.25 11.77
N LEU A 144 15.63 8.44 12.00
CA LEU A 144 15.80 9.10 13.30
C LEU A 144 15.07 8.40 14.46
N LEU A 145 14.00 7.67 14.17
CA LEU A 145 13.34 6.93 15.24
C LEU A 145 14.24 5.79 15.67
N THR A 146 14.98 5.23 14.73
CA THR A 146 15.87 4.09 15.00
C THR A 146 17.23 4.47 15.64
N ASN A 147 17.75 5.63 15.27
CA ASN A 147 19.04 6.09 15.81
C ASN A 147 18.96 7.58 16.12
N ALA A 148 18.81 7.91 17.40
CA ALA A 148 18.71 9.30 17.80
C ALA A 148 19.91 10.17 17.40
N GLU A 149 21.08 9.53 17.23
CA GLU A 149 22.31 10.23 16.87
C GLU A 149 22.57 10.28 15.36
N LEU A 150 21.63 9.78 14.58
CA LEU A 150 21.79 9.77 13.14
C LEU A 150 21.90 11.13 12.46
N GLN A 151 22.82 11.21 11.51
CA GLN A 151 22.92 12.41 10.70
C GLN A 151 22.68 11.89 9.30
N ILE A 152 22.06 12.71 8.46
CA ILE A 152 21.75 12.33 7.11
C ILE A 152 22.41 13.26 6.12
N TYR A 153 23.27 12.69 5.27
CA TYR A 153 23.96 13.45 4.26
C TYR A 153 23.15 13.36 2.98
N LYS A 154 22.74 14.51 2.45
CA LYS A 154 21.98 14.53 1.21
C LYS A 154 22.98 15.01 0.18
N PRO A 155 23.45 14.09 -0.68
CA PRO A 155 24.43 14.47 -1.70
C PRO A 155 24.04 15.65 -2.57
N TRP A 156 22.75 15.75 -2.92
CA TRP A 156 22.31 16.84 -3.78
C TRP A 156 22.36 18.22 -3.13
N LEU A 157 22.83 18.29 -1.89
CA LEU A 157 22.96 19.59 -1.22
C LEU A 157 24.44 19.99 -1.31
N ASP A 158 25.27 19.04 -1.75
CA ASP A 158 26.72 19.24 -1.88
C ASP A 158 27.04 19.72 -3.30
N THR A 159 27.48 20.96 -3.46
CA THR A 159 27.78 21.47 -4.79
C THR A 159 28.85 20.67 -5.53
N ASP A 160 29.80 20.11 -4.79
CA ASP A 160 30.85 19.31 -5.42
C ASP A 160 30.25 18.07 -6.03
N PHE A 161 29.25 17.51 -5.36
CA PHE A 161 28.59 16.30 -5.85
C PHE A 161 27.81 16.65 -7.11
N ILE A 162 27.00 17.71 -7.05
CA ILE A 162 26.21 18.13 -8.19
C ILE A 162 27.08 18.47 -9.40
N ASP A 163 28.20 19.15 -9.17
CA ASP A 163 29.08 19.52 -10.27
C ASP A 163 29.60 18.31 -11.03
N GLU A 164 29.81 17.19 -10.33
CA GLU A 164 30.34 15.99 -10.95
C GLU A 164 29.33 14.91 -11.34
N LEU A 165 28.34 14.68 -10.49
CA LEU A 165 27.34 13.64 -10.77
C LEU A 165 25.95 14.27 -10.88
N GLY A 166 25.82 15.28 -11.73
CA GLY A 166 24.55 15.97 -11.89
C GLY A 166 23.44 15.21 -12.57
N GLY A 167 23.79 14.20 -13.38
CA GLY A 167 22.79 13.42 -14.07
C GLY A 167 23.28 12.04 -14.45
N ARG A 168 22.42 11.27 -15.10
CA ARG A 168 22.75 9.92 -15.52
C ARG A 168 24.00 9.86 -16.39
N HIS A 169 24.10 10.77 -17.36
CA HIS A 169 25.25 10.79 -18.26
C HIS A 169 26.54 11.17 -17.52
N GLU A 170 26.45 12.14 -16.63
CA GLU A 170 27.62 12.56 -15.88
C GLU A 170 28.10 11.39 -15.01
N MET A 171 27.16 10.69 -14.39
CA MET A 171 27.52 9.55 -13.53
C MET A 171 28.16 8.43 -14.33
N SER A 172 27.62 8.18 -15.52
CA SER A 172 28.16 7.14 -16.40
C SER A 172 29.59 7.52 -16.80
N GLU A 173 29.78 8.78 -17.16
CA GLU A 173 31.11 9.24 -17.56
C GLU A 173 32.08 9.12 -16.39
N PHE A 174 31.57 9.37 -15.17
CA PHE A 174 32.39 9.30 -13.98
C PHE A 174 32.89 7.88 -13.74
N MET A 175 32.00 6.90 -13.86
CA MET A 175 32.40 5.51 -13.65
C MET A 175 33.52 5.14 -14.61
N ILE A 176 33.37 5.53 -15.87
CA ILE A 176 34.35 5.23 -16.89
C ILE A 176 35.67 5.92 -16.62
N ALA A 177 35.61 7.18 -16.19
CA ALA A 177 36.82 7.94 -15.88
C ALA A 177 37.53 7.31 -14.67
N CYS A 178 36.78 6.60 -13.84
CA CYS A 178 37.36 5.95 -12.67
C CYS A 178 37.82 4.54 -12.94
N GLY A 179 37.77 4.11 -14.19
CA GLY A 179 38.27 2.78 -14.54
C GLY A 179 37.27 1.65 -14.60
N PHE A 180 35.99 1.98 -14.63
CA PHE A 180 34.96 0.94 -14.68
C PHE A 180 34.10 1.02 -15.92
N ASP A 181 34.17 -0.03 -16.73
CA ASP A 181 33.41 -0.14 -17.97
C ASP A 181 31.96 -0.40 -17.60
N TYR A 182 31.30 0.62 -17.05
CA TYR A 182 29.91 0.50 -16.62
C TYR A 182 28.90 0.47 -17.77
N LYS A 183 27.96 -0.47 -17.70
CA LYS A 183 26.95 -0.62 -18.74
C LYS A 183 25.57 -0.25 -18.21
N MET A 184 25.05 0.89 -18.67
CA MET A 184 23.74 1.35 -18.24
C MET A 184 22.63 0.42 -18.70
N SER A 185 21.53 0.42 -17.95
CA SER A 185 20.38 -0.39 -18.27
C SER A 185 19.58 0.27 -19.38
N VAL A 186 18.78 -0.51 -20.08
CA VAL A 186 17.94 -0.01 -21.18
C VAL A 186 16.89 0.95 -20.60
N GLU A 187 16.75 2.11 -21.22
CA GLU A 187 15.79 3.12 -20.77
C GLU A 187 14.33 2.74 -21.00
N LYS A 188 13.49 3.05 -20.02
CA LYS A 188 12.06 2.78 -20.11
C LYS A 188 11.32 4.11 -20.12
N ALA A 189 10.03 4.06 -20.45
CA ALA A 189 9.18 5.25 -20.49
C ALA A 189 8.59 5.63 -19.14
N TYR A 190 9.10 5.06 -18.06
CA TYR A 190 8.65 5.32 -16.69
C TYR A 190 9.70 4.73 -15.76
N SER A 191 9.60 5.07 -14.48
CA SER A 191 10.50 4.60 -13.43
C SER A 191 9.77 3.58 -12.54
N THR A 192 10.50 2.59 -12.04
CA THR A 192 9.88 1.56 -11.21
C THR A 192 10.56 1.33 -9.87
N ASP A 193 9.76 1.11 -8.82
N ASP A 193 9.74 1.11 -8.84
CA ASP A 193 10.29 0.79 -7.48
CA ASP A 193 10.21 0.80 -7.49
C ASP A 193 9.47 -0.43 -7.02
C ASP A 193 9.49 -0.52 -7.22
N SER A 194 10.13 -1.45 -6.51
CA SER A 194 9.41 -2.67 -6.18
C SER A 194 9.92 -3.41 -4.97
N ASN A 195 9.07 -4.29 -4.47
CA ASN A 195 9.43 -5.20 -3.38
C ASN A 195 8.47 -6.38 -3.53
N MET A 196 8.56 -7.41 -2.68
N MET A 196 8.58 -7.38 -2.66
CA MET A 196 7.66 -8.55 -2.88
CA MET A 196 7.70 -8.54 -2.78
C MET A 196 6.19 -8.31 -2.54
C MET A 196 6.22 -8.23 -2.69
N LEU A 197 5.84 -7.12 -2.05
CA LEU A 197 4.43 -6.80 -1.86
C LEU A 197 3.85 -6.11 -3.09
N GLY A 198 4.68 -5.41 -3.87
CA GLY A 198 4.12 -4.73 -5.02
C GLY A 198 5.13 -3.91 -5.79
N ALA A 199 4.73 -3.43 -6.96
CA ALA A 199 5.61 -2.59 -7.79
C ALA A 199 4.89 -1.30 -8.15
N THR A 200 5.62 -0.19 -8.14
CA THR A 200 5.03 1.09 -8.50
C THR A 200 5.76 1.60 -9.75
N HIS A 201 4.99 2.20 -10.66
CA HIS A 201 5.54 2.75 -11.90
C HIS A 201 5.07 4.20 -11.96
N GLU A 202 5.99 5.12 -12.21
CA GLU A 202 5.66 6.55 -12.23
C GLU A 202 6.70 7.32 -13.03
N ALA A 203 6.47 8.62 -13.16
CA ALA A 203 7.39 9.53 -13.86
C ALA A 203 7.47 9.34 -15.37
N LYS A 204 8.32 10.15 -15.99
CA LYS A 204 8.48 10.13 -17.44
C LYS A 204 7.12 10.19 -18.12
N ASP A 205 6.81 9.27 -19.03
CA ASP A 205 5.53 9.37 -19.74
C ASP A 205 4.29 9.15 -18.88
N LEU A 206 4.46 8.53 -17.71
CA LEU A 206 3.31 8.33 -16.82
C LEU A 206 2.92 9.64 -16.12
N GLU A 207 3.69 10.71 -16.34
CA GLU A 207 3.28 11.99 -15.77
C GLU A 207 2.09 12.53 -16.55
N TYR A 208 1.88 12.04 -17.78
CA TYR A 208 0.77 12.53 -18.59
C TYR A 208 -0.46 11.68 -18.39
N LEU A 209 -1.59 12.35 -18.10
CA LEU A 209 -2.84 11.62 -17.83
C LEU A 209 -3.43 10.91 -19.03
N ASN A 210 -2.90 11.16 -20.23
CA ASN A 210 -3.35 10.45 -21.41
C ASN A 210 -2.50 9.21 -21.72
N SER A 211 -1.53 8.92 -20.85
CA SER A 211 -0.77 7.68 -20.95
C SER A 211 -1.62 6.73 -20.09
N SER A 212 -1.42 5.42 -20.25
CA SER A 212 -2.21 4.45 -19.47
C SER A 212 -1.34 3.27 -19.14
N VAL A 213 -1.95 2.29 -18.46
CA VAL A 213 -1.27 1.07 -18.07
C VAL A 213 -0.68 0.35 -19.31
N LYS A 214 -1.23 0.62 -20.49
CA LYS A 214 -0.76 -0.06 -21.70
C LYS A 214 0.69 0.22 -22.05
N ILE A 215 1.28 1.29 -21.51
CA ILE A 215 2.69 1.53 -21.84
C ILE A 215 3.60 0.79 -20.88
N VAL A 216 3.03 0.19 -19.84
CA VAL A 216 3.83 -0.52 -18.85
C VAL A 216 3.98 -2.01 -19.14
N ASN A 217 5.18 -2.53 -18.89
N ASN A 217 5.19 -2.52 -18.89
CA ASN A 217 5.44 -3.95 -19.04
CA ASN A 217 5.46 -3.94 -19.02
C ASN A 217 5.43 -4.44 -17.58
C ASN A 217 5.43 -4.43 -17.56
N PRO A 218 4.31 -5.03 -17.15
CA PRO A 218 4.19 -5.52 -15.75
C PRO A 218 5.28 -6.48 -15.32
N ILE A 219 5.79 -6.30 -14.10
CA ILE A 219 6.83 -7.19 -13.62
C ILE A 219 6.35 -8.21 -12.60
N MET A 220 5.08 -8.15 -12.20
CA MET A 220 4.54 -9.14 -11.25
C MET A 220 3.35 -9.88 -11.83
N GLY A 221 2.99 -9.54 -13.06
CA GLY A 221 1.84 -10.19 -13.68
C GLY A 221 1.88 -10.08 -15.19
N VAL A 222 0.81 -10.56 -15.81
CA VAL A 222 0.70 -10.54 -17.27
C VAL A 222 -0.03 -9.32 -17.83
N LYS A 223 0.08 -9.11 -19.15
CA LYS A 223 -0.59 -7.99 -19.81
C LYS A 223 -2.02 -8.42 -20.12
N PHE A 224 -2.88 -8.35 -19.10
CA PHE A 224 -4.25 -8.82 -19.26
C PHE A 224 -5.11 -8.02 -20.22
N TRP A 225 -4.68 -6.81 -20.55
CA TRP A 225 -5.45 -5.97 -21.47
C TRP A 225 -5.19 -6.34 -22.93
N ASP A 226 -4.22 -7.22 -23.14
CA ASP A 226 -3.87 -7.66 -24.49
C ASP A 226 -4.61 -8.97 -24.79
N GLU A 227 -5.59 -8.89 -25.70
CA GLU A 227 -6.40 -10.04 -26.11
C GLU A 227 -5.62 -11.27 -26.54
N SER A 228 -4.42 -11.06 -27.09
CA SER A 228 -3.61 -12.18 -27.56
C SER A 228 -2.97 -12.98 -26.44
N VAL A 229 -3.00 -12.44 -25.22
CA VAL A 229 -2.45 -13.14 -24.07
C VAL A 229 -3.55 -14.03 -23.54
N LYS A 230 -3.29 -15.34 -23.49
CA LYS A 230 -4.29 -16.28 -23.01
C LYS A 230 -4.25 -16.45 -21.51
N ILE A 231 -5.42 -16.28 -20.88
CA ILE A 231 -5.53 -16.38 -19.44
C ILE A 231 -6.75 -17.24 -19.09
N PRO A 232 -6.54 -18.53 -18.86
CA PRO A 232 -7.69 -19.38 -18.53
C PRO A 232 -8.24 -19.01 -17.16
N ALA A 233 -9.55 -19.16 -16.99
CA ALA A 233 -10.19 -18.88 -15.71
C ALA A 233 -9.55 -19.85 -14.73
N GLU A 234 -9.36 -19.40 -13.49
CA GLU A 234 -8.72 -20.25 -12.48
C GLU A 234 -9.43 -20.19 -11.12
N GLU A 235 -9.71 -21.34 -10.52
CA GLU A 235 -10.33 -21.38 -9.21
C GLU A 235 -9.20 -21.32 -8.17
N VAL A 236 -9.38 -20.51 -7.13
N VAL A 236 -9.37 -20.51 -7.14
CA VAL A 236 -8.37 -20.37 -6.09
CA VAL A 236 -8.37 -20.39 -6.09
C VAL A 236 -9.02 -20.29 -4.71
C VAL A 236 -9.05 -20.35 -4.72
N THR A 237 -8.39 -20.91 -3.71
CA THR A 237 -8.93 -20.87 -2.34
C THR A 237 -7.91 -20.18 -1.44
N VAL A 238 -8.40 -19.32 -0.55
CA VAL A 238 -7.54 -18.58 0.38
C VAL A 238 -8.08 -18.84 1.78
N ARG A 239 -7.25 -19.38 2.66
CA ARG A 239 -7.70 -19.71 4.01
C ARG A 239 -6.94 -18.97 5.09
N PHE A 240 -7.69 -18.46 6.07
CA PHE A 240 -7.14 -17.72 7.21
C PHE A 240 -7.43 -18.43 8.54
N GLU A 241 -6.52 -18.26 9.50
CA GLU A 241 -6.68 -18.76 10.86
C GLU A 241 -6.40 -17.57 11.77
N GLN A 242 -7.43 -17.13 12.49
CA GLN A 242 -7.29 -15.99 13.40
C GLN A 242 -6.69 -14.77 12.73
N GLY A 243 -7.10 -14.54 11.49
CA GLY A 243 -6.64 -13.37 10.76
C GLY A 243 -5.36 -13.54 9.97
N HIS A 244 -4.71 -14.69 10.15
CA HIS A 244 -3.45 -14.95 9.48
C HIS A 244 -3.64 -15.83 8.24
N PRO A 245 -3.12 -15.42 7.07
CA PRO A 245 -3.28 -16.24 5.85
C PRO A 245 -2.37 -17.46 5.95
N VAL A 246 -2.97 -18.64 5.98
CA VAL A 246 -2.20 -19.87 6.15
C VAL A 246 -2.21 -20.86 5.00
N ALA A 247 -3.18 -20.80 4.10
CA ALA A 247 -3.19 -21.76 3.00
C ALA A 247 -3.75 -21.20 1.74
N LEU A 248 -3.16 -21.64 0.62
CA LEU A 248 -3.60 -21.22 -0.70
C LEU A 248 -3.81 -22.52 -1.45
N ASN A 249 -4.98 -22.66 -2.03
CA ASN A 249 -5.32 -23.87 -2.75
C ASN A 249 -5.14 -25.15 -1.92
N GLY A 250 -5.48 -25.04 -0.64
CA GLY A 250 -5.40 -26.17 0.27
C GLY A 250 -4.02 -26.52 0.78
N LYS A 251 -3.02 -25.76 0.36
CA LYS A 251 -1.64 -26.02 0.79
C LYS A 251 -1.10 -24.98 1.76
N THR A 252 -0.33 -25.46 2.74
CA THR A 252 0.30 -24.62 3.74
C THR A 252 1.75 -24.37 3.34
N PHE A 253 2.43 -23.49 4.07
CA PHE A 253 3.79 -23.11 3.74
C PHE A 253 4.74 -23.18 4.91
N SER A 254 6.04 -23.21 4.62
CA SER A 254 7.04 -23.26 5.68
C SER A 254 7.14 -21.94 6.43
N ASP A 255 6.77 -20.84 5.75
CA ASP A 255 6.80 -19.53 6.41
C ASP A 255 5.93 -18.55 5.60
N ASP A 256 5.72 -17.35 6.13
CA ASP A 256 4.86 -16.36 5.45
C ASP A 256 5.44 -15.80 4.15
N VAL A 257 6.77 -15.78 4.02
CA VAL A 257 7.40 -15.30 2.80
C VAL A 257 7.04 -16.26 1.66
N GLU A 258 7.12 -17.57 1.91
CA GLU A 258 6.73 -18.52 0.87
C GLU A 258 5.25 -18.38 0.51
N MET A 259 4.42 -18.14 1.51
CA MET A 259 2.99 -17.95 1.27
C MET A 259 2.79 -16.75 0.34
N MET A 260 3.40 -15.62 0.68
CA MET A 260 3.24 -14.42 -0.15
C MET A 260 3.75 -14.60 -1.57
N LEU A 261 4.89 -15.30 -1.73
CA LEU A 261 5.39 -15.55 -3.06
C LEU A 261 4.38 -16.36 -3.87
N GLU A 262 3.69 -17.32 -3.24
CA GLU A 262 2.68 -18.10 -3.97
C GLU A 262 1.44 -17.24 -4.26
N ALA A 263 1.06 -16.38 -3.31
CA ALA A 263 -0.08 -15.50 -3.59
C ALA A 263 0.22 -14.63 -4.81
N ASN A 264 1.46 -14.14 -4.90
CA ASN A 264 1.86 -13.32 -6.03
C ASN A 264 1.80 -14.14 -7.34
N ARG A 265 2.22 -15.40 -7.29
CA ARG A 265 2.17 -16.21 -8.52
C ARG A 265 0.75 -16.40 -9.02
N ILE A 266 -0.15 -16.72 -8.10
CA ILE A 266 -1.56 -16.94 -8.45
C ILE A 266 -2.18 -15.67 -9.02
N GLY A 267 -2.08 -14.57 -8.28
CA GLY A 267 -2.68 -13.34 -8.79
C GLY A 267 -2.01 -12.85 -10.06
N GLY A 268 -0.70 -13.07 -10.13
CA GLY A 268 0.08 -12.62 -11.28
C GLY A 268 -0.34 -13.23 -12.59
N ARG A 269 -0.76 -14.49 -12.55
CA ARG A 269 -1.20 -15.16 -13.78
C ARG A 269 -2.39 -14.46 -14.41
N HIS A 270 -3.09 -13.64 -13.62
CA HIS A 270 -4.29 -12.97 -14.08
C HIS A 270 -4.19 -11.46 -14.19
N GLY A 271 -3.14 -10.90 -13.58
CA GLY A 271 -2.98 -9.46 -13.58
C GLY A 271 -3.86 -8.85 -12.50
N LEU A 272 -4.27 -9.67 -11.53
CA LEU A 272 -5.10 -9.19 -10.42
C LEU A 272 -4.37 -8.08 -9.63
N GLY A 273 -5.13 -7.08 -9.20
CA GLY A 273 -4.56 -6.02 -8.37
C GLY A 273 -3.91 -4.81 -8.99
N MET A 274 -4.01 -4.66 -10.31
CA MET A 274 -3.39 -3.47 -10.90
C MET A 274 -4.34 -2.28 -10.82
N SER A 275 -3.76 -1.10 -10.59
CA SER A 275 -4.58 0.11 -10.56
C SER A 275 -3.77 1.31 -11.06
N ASP A 276 -4.50 2.41 -11.28
CA ASP A 276 -3.94 3.68 -11.76
C ASP A 276 -4.51 4.74 -10.82
N GLN A 277 -3.63 5.40 -10.04
CA GLN A 277 -4.09 6.40 -9.08
C GLN A 277 -3.48 7.78 -9.27
N ILE A 278 -4.29 8.81 -9.05
CA ILE A 278 -3.76 10.18 -8.92
C ILE A 278 -3.84 10.31 -7.38
N GLU A 279 -2.70 10.62 -6.76
CA GLU A 279 -2.63 10.68 -5.30
C GLU A 279 -2.08 12.00 -4.78
N ASN A 280 -2.38 12.28 -3.52
CA ASN A 280 -1.84 13.47 -2.86
C ASN A 280 -0.57 13.13 -2.09
N ARG A 281 0.55 13.73 -2.48
CA ARG A 281 1.82 13.52 -1.78
C ARG A 281 1.81 14.20 -0.42
N ILE A 282 2.78 13.84 0.42
CA ILE A 282 2.86 14.43 1.76
C ILE A 282 2.91 15.96 1.69
N ILE A 283 3.62 16.48 0.69
CA ILE A 283 3.77 17.93 0.51
C ILE A 283 2.56 18.67 -0.07
N GLU A 284 1.45 17.99 -0.19
CA GLU A 284 0.22 18.59 -0.70
C GLU A 284 0.27 19.02 -2.15
N ALA A 285 0.71 18.10 -3.02
CA ALA A 285 0.72 18.31 -4.46
C ALA A 285 0.45 16.91 -4.98
N LYS A 286 -0.09 16.81 -6.18
CA LYS A 286 -0.47 15.50 -6.71
C LYS A 286 0.53 14.82 -7.64
N SER A 287 0.56 13.48 -7.58
CA SER A 287 1.39 12.66 -8.48
C SER A 287 0.51 11.56 -9.04
N ARG A 288 1.02 10.83 -10.02
CA ARG A 288 0.26 9.76 -10.66
C ARG A 288 1.10 8.49 -10.68
N GLY A 289 0.47 7.35 -10.40
CA GLY A 289 1.22 6.11 -10.48
C GLY A 289 0.39 4.95 -10.99
N ILE A 290 1.11 3.93 -11.47
N ILE A 290 1.05 3.92 -11.51
CA ILE A 290 0.53 2.68 -11.95
CA ILE A 290 0.34 2.70 -11.95
C ILE A 290 1.05 1.68 -10.95
C ILE A 290 0.99 1.59 -11.13
N TYR A 291 0.14 0.84 -10.44
CA TYR A 291 0.54 -0.14 -9.45
C TYR A 291 0.22 -1.60 -9.67
N GLU A 292 1.09 -2.46 -9.14
CA GLU A 292 0.91 -3.92 -9.20
C GLU A 292 1.04 -4.45 -7.75
N ALA A 293 0.19 -5.41 -7.38
CA ALA A 293 0.27 -6.06 -6.05
C ALA A 293 -0.67 -7.25 -6.13
N PRO A 294 -0.31 -8.26 -6.93
CA PRO A 294 -1.20 -9.42 -7.07
C PRO A 294 -1.56 -10.24 -5.83
N GLY A 295 -0.55 -10.49 -5.00
CA GLY A 295 -0.74 -11.27 -3.79
C GLY A 295 -1.52 -10.51 -2.75
N MET A 296 -1.14 -9.26 -2.54
CA MET A 296 -1.86 -8.41 -1.61
C MET A 296 -3.34 -8.33 -2.02
N ALA A 297 -3.62 -8.14 -3.31
CA ALA A 297 -5.01 -8.05 -3.75
C ALA A 297 -5.80 -9.32 -3.48
N LEU A 298 -5.17 -10.47 -3.75
CA LEU A 298 -5.81 -11.76 -3.52
C LEU A 298 -6.16 -11.93 -2.05
N LEU A 299 -5.22 -11.62 -1.17
CA LEU A 299 -5.48 -11.76 0.26
C LEU A 299 -6.55 -10.76 0.74
N HIS A 300 -6.50 -9.53 0.21
CA HIS A 300 -7.45 -8.48 0.58
C HIS A 300 -8.89 -8.88 0.25
N ILE A 301 -9.12 -9.39 -0.96
CA ILE A 301 -10.46 -9.80 -1.35
C ILE A 301 -11.01 -10.87 -0.42
N ALA A 302 -10.20 -11.90 -0.17
CA ALA A 302 -10.67 -12.98 0.70
C ALA A 302 -10.90 -12.50 2.14
N TYR A 303 -9.98 -11.68 2.66
CA TYR A 303 -10.10 -11.17 4.02
C TYR A 303 -11.38 -10.34 4.15
N GLU A 304 -11.63 -9.42 3.22
CA GLU A 304 -12.86 -8.63 3.34
C GLU A 304 -14.13 -9.44 3.16
N ARG A 305 -14.12 -10.46 2.30
CA ARG A 305 -15.33 -11.25 2.18
C ARG A 305 -15.61 -11.94 3.53
N LEU A 306 -14.58 -12.49 4.17
CA LEU A 306 -14.81 -13.12 5.50
C LEU A 306 -15.28 -12.07 6.51
N LEU A 307 -14.67 -10.89 6.51
CA LEU A 307 -15.08 -9.81 7.43
C LEU A 307 -16.59 -9.56 7.32
N THR A 308 -17.10 -9.46 6.09
CA THR A 308 -18.52 -9.22 5.90
C THR A 308 -19.42 -10.36 6.39
N GLY A 309 -18.87 -11.57 6.52
CA GLY A 309 -19.70 -12.66 7.00
C GLY A 309 -19.59 -12.91 8.50
N ILE A 310 -18.66 -12.21 9.15
CA ILE A 310 -18.35 -12.42 10.57
C ILE A 310 -18.64 -11.27 11.53
N HIS A 311 -18.39 -10.03 11.10
CA HIS A 311 -18.56 -8.90 12.00
C HIS A 311 -19.81 -8.05 11.83
N ASN A 312 -20.20 -7.41 12.94
CA ASN A 312 -21.39 -6.56 12.91
C ASN A 312 -21.14 -5.23 12.21
N GLU A 313 -22.22 -4.50 11.91
CA GLU A 313 -22.07 -3.27 11.15
C GLU A 313 -21.20 -2.20 11.78
N ASP A 314 -21.37 -1.96 13.08
CA ASP A 314 -20.54 -0.94 13.75
C ASP A 314 -19.07 -1.30 13.64
N THR A 315 -18.76 -2.59 13.76
CA THR A 315 -17.39 -3.06 13.71
C THR A 315 -16.81 -2.95 12.30
N ILE A 316 -17.60 -3.33 11.30
CA ILE A 316 -17.14 -3.20 9.91
C ILE A 316 -16.91 -1.72 9.58
N GLU A 317 -17.78 -0.83 10.06
CA GLU A 317 -17.57 0.56 9.76
C GLU A 317 -16.33 1.12 10.46
N GLN A 318 -16.03 0.62 11.66
CA GLN A 318 -14.81 1.07 12.33
C GLN A 318 -13.60 0.51 11.54
N TYR A 319 -13.69 -0.71 11.01
CA TYR A 319 -12.60 -1.25 10.20
C TYR A 319 -12.37 -0.34 8.98
N HIS A 320 -13.44 0.05 8.28
CA HIS A 320 -13.23 0.92 7.11
C HIS A 320 -12.67 2.29 7.48
N ALA A 321 -13.24 2.93 8.49
CA ALA A 321 -12.80 4.26 8.88
C ALA A 321 -11.39 4.28 9.46
N HIS A 322 -11.14 3.40 10.42
CA HIS A 322 -9.83 3.34 11.05
C HIS A 322 -8.77 2.84 10.09
N GLY A 323 -9.14 1.89 9.22
CA GLY A 323 -8.19 1.40 8.24
C GLY A 323 -7.77 2.48 7.25
N ARG A 324 -8.71 3.27 6.73
N ARG A 324 -8.73 3.27 6.77
CA ARG A 324 -8.31 4.33 5.81
CA ARG A 324 -8.41 4.33 5.82
C ARG A 324 -7.38 5.30 6.53
C ARG A 324 -7.51 5.41 6.47
N GLN A 325 -7.76 5.71 7.75
CA GLN A 325 -6.94 6.68 8.49
C GLN A 325 -5.55 6.12 8.69
N LEU A 326 -5.46 4.83 9.02
CA LEU A 326 -4.17 4.17 9.19
C LEU A 326 -3.39 4.16 7.88
N GLY A 327 -4.09 3.94 6.76
CA GLY A 327 -3.42 3.95 5.45
C GLY A 327 -2.77 5.30 5.18
N ARG A 328 -3.47 6.39 5.55
CA ARG A 328 -2.90 7.71 5.32
C ARG A 328 -1.66 7.90 6.18
N LEU A 329 -1.72 7.47 7.45
CA LEU A 329 -0.57 7.58 8.35
C LEU A 329 0.61 6.76 7.81
N LEU A 330 0.32 5.56 7.30
CA LEU A 330 1.35 4.70 6.70
C LEU A 330 2.02 5.43 5.53
N TYR A 331 1.21 6.00 4.67
CA TYR A 331 1.71 6.77 3.52
C TYR A 331 2.60 7.96 3.96
N GLN A 332 2.26 8.58 5.08
CA GLN A 332 3.01 9.72 5.60
C GLN A 332 4.31 9.37 6.29
N GLY A 333 4.57 8.07 6.47
CA GLY A 333 5.78 7.62 7.16
C GLY A 333 5.56 7.58 8.67
N ARG A 334 4.29 7.51 9.09
CA ARG A 334 3.96 7.51 10.52
C ARG A 334 3.44 6.17 11.02
N TRP A 335 3.87 5.09 10.37
CA TRP A 335 3.41 3.74 10.72
C TRP A 335 3.74 3.32 12.16
N PHE A 336 4.79 3.88 12.73
CA PHE A 336 5.17 3.55 14.10
C PHE A 336 4.83 4.63 15.12
N ASP A 337 4.08 5.66 14.70
CA ASP A 337 3.66 6.72 15.62
C ASP A 337 2.46 6.24 16.43
N SER A 338 2.25 6.83 17.60
CA SER A 338 1.17 6.38 18.48
C SER A 338 -0.21 6.32 17.84
N GLN A 339 -0.52 7.32 17.01
CA GLN A 339 -1.82 7.37 16.38
C GLN A 339 -2.04 6.25 15.36
N ALA A 340 -0.94 5.73 14.81
CA ALA A 340 -1.06 4.60 13.89
C ALA A 340 -1.07 3.28 14.69
N LEU A 341 -0.13 3.13 15.64
CA LEU A 341 -0.09 1.91 16.43
C LEU A 341 -1.44 1.63 17.11
N MET A 342 -2.10 2.67 17.65
N MET A 342 -2.08 2.65 17.66
CA MET A 342 -3.39 2.48 18.32
CA MET A 342 -3.34 2.39 18.30
C MET A 342 -4.51 1.95 17.43
C MET A 342 -4.36 1.75 17.34
N LEU A 343 -4.47 2.30 16.15
CA LEU A 343 -5.45 1.80 15.16
C LEU A 343 -5.06 0.39 14.71
N ARG A 344 -3.78 0.19 14.40
N ARG A 344 -3.79 0.20 14.41
CA ARG A 344 -3.33 -1.11 13.93
CA ARG A 344 -3.30 -1.10 13.94
C ARG A 344 -3.48 -2.23 14.96
C ARG A 344 -3.58 -2.18 14.99
N ASP A 345 -3.06 -1.96 16.19
CA ASP A 345 -3.20 -2.92 17.26
C ASP A 345 -4.68 -3.27 17.54
N SER A 346 -5.52 -2.25 17.53
N SER A 346 -5.55 -2.25 17.55
CA SER A 346 -6.95 -2.41 17.78
CA SER A 346 -6.97 -2.46 17.83
C SER A 346 -7.55 -3.36 16.73
C SER A 346 -7.68 -3.27 16.72
N LEU A 347 -7.32 -3.04 15.45
CA LEU A 347 -7.90 -3.83 14.36
C LEU A 347 -7.35 -5.27 14.39
N GLN A 348 -6.07 -5.44 14.67
CA GLN A 348 -5.51 -6.79 14.73
C GLN A 348 -6.13 -7.59 15.86
N ARG A 349 -6.28 -6.97 17.02
CA ARG A 349 -6.82 -7.69 18.17
C ARG A 349 -8.29 -8.04 18.11
N TRP A 350 -9.11 -7.09 17.69
CA TRP A 350 -10.55 -7.32 17.75
C TRP A 350 -11.26 -7.64 16.45
N VAL A 351 -10.67 -7.26 15.33
CA VAL A 351 -11.27 -7.56 14.04
C VAL A 351 -10.59 -8.79 13.44
N ALA A 352 -9.28 -8.70 13.23
CA ALA A 352 -8.57 -9.82 12.59
C ALA A 352 -8.59 -11.13 13.36
N SER A 353 -8.54 -11.07 14.68
CA SER A 353 -8.50 -12.28 15.48
C SER A 353 -9.64 -13.25 15.21
N GLN A 354 -10.80 -12.73 14.78
CA GLN A 354 -11.94 -13.60 14.50
C GLN A 354 -12.06 -14.03 13.03
N ILE A 355 -11.12 -13.59 12.19
CA ILE A 355 -11.20 -13.96 10.78
C ILE A 355 -10.53 -15.32 10.53
N THR A 356 -11.32 -16.37 10.74
CA THR A 356 -10.92 -17.74 10.50
C THR A 356 -11.89 -18.24 9.45
N GLY A 357 -11.40 -18.69 8.31
CA GLY A 357 -12.33 -19.13 7.27
C GLY A 357 -11.62 -19.28 5.94
N GLU A 358 -12.38 -19.57 4.89
CA GLU A 358 -11.82 -19.79 3.56
C GLU A 358 -12.75 -19.25 2.49
N VAL A 359 -12.17 -18.56 1.51
CA VAL A 359 -12.94 -18.02 0.41
C VAL A 359 -12.44 -18.62 -0.88
N THR A 360 -13.37 -18.97 -1.75
CA THR A 360 -13.03 -19.52 -3.06
C THR A 360 -13.39 -18.49 -4.13
N LEU A 361 -12.46 -18.22 -5.03
CA LEU A 361 -12.70 -17.26 -6.10
C LEU A 361 -12.42 -17.90 -7.45
N GLU A 362 -13.01 -17.30 -8.49
CA GLU A 362 -12.67 -17.69 -9.86
C GLU A 362 -12.00 -16.41 -10.42
N LEU A 363 -10.71 -16.49 -10.74
CA LEU A 363 -10.00 -15.34 -11.29
C LEU A 363 -10.00 -15.42 -12.82
N ARG A 364 -10.30 -14.31 -13.48
CA ARG A 364 -10.32 -14.27 -14.93
C ARG A 364 -9.24 -13.29 -15.38
N ARG A 365 -9.60 -12.14 -15.93
CA ARG A 365 -8.57 -11.18 -16.35
C ARG A 365 -8.58 -9.91 -15.49
N GLY A 366 -7.39 -9.42 -15.13
CA GLY A 366 -7.32 -8.17 -14.37
C GLY A 366 -8.13 -8.21 -13.08
N ASN A 367 -9.02 -7.24 -12.90
N ASN A 367 -9.00 -7.23 -12.90
CA ASN A 367 -9.84 -7.18 -11.70
CA ASN A 367 -9.83 -7.19 -11.70
C ASN A 367 -11.15 -7.95 -11.83
C ASN A 367 -11.22 -7.80 -11.93
N ASP A 368 -11.32 -8.66 -12.94
CA ASP A 368 -12.58 -9.41 -13.18
C ASP A 368 -12.43 -10.78 -12.52
N TYR A 369 -13.21 -11.01 -11.46
CA TYR A 369 -13.19 -12.28 -10.74
C TYR A 369 -14.58 -12.47 -10.16
N SER A 370 -14.87 -13.69 -9.68
CA SER A 370 -16.16 -13.93 -9.03
C SER A 370 -15.93 -14.67 -7.74
N ILE A 371 -16.79 -14.41 -6.76
CA ILE A 371 -16.67 -15.15 -5.49
C ILE A 371 -17.52 -16.41 -5.69
N LEU A 372 -16.93 -17.57 -5.39
CA LEU A 372 -17.62 -18.86 -5.56
C LEU A 372 -18.06 -19.52 -4.24
N ASN A 373 -17.36 -19.27 -3.15
CA ASN A 373 -17.75 -19.88 -1.88
C ASN A 373 -17.14 -19.10 -0.73
N THR A 374 -17.80 -19.14 0.42
CA THR A 374 -17.35 -18.48 1.65
C THR A 374 -17.73 -19.37 2.81
N VAL A 375 -16.75 -19.80 3.59
CA VAL A 375 -16.99 -20.62 4.76
C VAL A 375 -16.21 -20.11 5.97
N SER A 376 -16.79 -20.33 7.14
CA SER A 376 -16.14 -19.94 8.40
C SER A 376 -16.90 -20.49 9.59
N GLU A 377 -16.16 -21.10 10.53
CA GLU A 377 -16.81 -21.59 11.75
C GLU A 377 -17.30 -20.38 12.59
N ASN A 378 -16.84 -19.18 12.23
CA ASN A 378 -17.22 -17.95 12.93
C ASN A 378 -18.26 -17.09 12.22
N LEU A 379 -18.82 -17.59 11.10
CA LEU A 379 -19.83 -16.80 10.42
C LEU A 379 -21.02 -16.46 11.28
N THR A 380 -21.49 -15.22 11.18
CA THR A 380 -22.72 -14.84 11.85
C THR A 380 -23.81 -14.83 10.77
N TYR A 381 -23.41 -14.96 9.50
CA TYR A 381 -24.39 -15.14 8.44
C TYR A 381 -24.80 -16.63 8.50
N LYS A 382 -26.10 -16.89 8.48
CA LYS A 382 -26.61 -18.28 8.43
C LYS A 382 -27.77 -18.28 7.44
N PRO A 383 -27.79 -19.24 6.50
CA PRO A 383 -28.90 -19.26 5.56
C PRO A 383 -30.30 -19.35 6.18
N GLU A 384 -30.40 -20.05 7.29
CA GLU A 384 -31.69 -20.23 7.98
C GLU A 384 -32.20 -19.02 8.78
N ARG A 385 -31.31 -18.10 9.16
CA ARG A 385 -31.72 -16.99 10.00
C ARG A 385 -32.77 -16.03 9.49
N LEU A 386 -32.68 -15.63 8.23
CA LEU A 386 -33.67 -14.70 7.69
C LEU A 386 -34.45 -15.27 6.53
N THR A 387 -34.42 -16.59 6.38
CA THR A 387 -35.16 -17.20 5.27
C THR A 387 -36.67 -17.16 5.49
N MET A 388 -37.42 -16.96 4.42
CA MET A 388 -38.87 -16.92 4.53
C MET A 388 -39.43 -18.33 4.29
N GLU A 389 -38.52 -19.27 4.05
CA GLU A 389 -38.93 -20.65 3.82
C GLU A 389 -39.26 -21.33 5.15
N LYS A 390 -39.83 -22.52 5.06
CA LYS A 390 -40.19 -23.26 6.26
C LYS A 390 -40.88 -22.42 7.32
N GLY A 391 -40.16 -22.14 8.41
CA GLY A 391 -40.70 -21.35 9.49
C GLY A 391 -39.67 -21.21 10.61
N ASP A 392 -40.11 -21.30 11.86
CA ASP A 392 -39.22 -21.19 13.01
C ASP A 392 -38.30 -19.96 12.94
N SER A 393 -38.74 -18.86 13.55
CA SER A 393 -37.96 -17.62 13.56
C SER A 393 -37.74 -17.13 14.99
N VAL A 394 -36.59 -16.50 15.22
CA VAL A 394 -36.25 -15.96 16.54
C VAL A 394 -37.18 -14.81 16.91
N PHE A 395 -37.69 -14.09 15.92
CA PHE A 395 -38.62 -12.99 16.16
C PHE A 395 -39.86 -13.22 15.32
N SER A 396 -41.00 -12.70 15.77
CA SER A 396 -42.25 -12.90 15.06
C SER A 396 -42.72 -11.65 14.32
N PRO A 397 -43.74 -11.80 13.46
CA PRO A 397 -44.26 -10.63 12.74
C PRO A 397 -44.71 -9.59 13.74
N ASP A 398 -45.36 -10.00 14.84
CA ASP A 398 -45.81 -9.05 15.85
C ASP A 398 -44.63 -8.32 16.48
N ASP A 399 -43.52 -9.03 16.66
CA ASP A 399 -42.32 -8.40 17.24
C ASP A 399 -41.85 -7.27 16.34
N ARG A 400 -41.83 -7.49 15.03
CA ARG A 400 -41.36 -6.45 14.13
C ARG A 400 -42.30 -5.25 14.15
N ILE A 401 -43.60 -5.49 14.29
CA ILE A 401 -44.54 -4.38 14.36
C ILE A 401 -44.23 -3.47 15.57
N GLY A 402 -43.86 -4.10 16.69
CA GLY A 402 -43.51 -3.33 17.87
C GLY A 402 -42.27 -2.48 17.64
N GLN A 403 -41.28 -3.10 16.99
CA GLN A 403 -40.04 -2.38 16.69
C GLN A 403 -40.32 -1.17 15.79
N LEU A 404 -41.23 -1.32 14.84
CA LEU A 404 -41.56 -0.20 13.95
C LEU A 404 -42.23 0.95 14.72
N THR A 405 -43.13 0.60 15.64
CA THR A 405 -43.86 1.59 16.42
C THR A 405 -42.90 2.41 17.27
N MET A 406 -41.80 1.79 17.70
CA MET A 406 -40.84 2.52 18.53
C MET A 406 -40.17 3.66 17.75
N ARG A 407 -40.32 3.66 16.44
CA ARG A 407 -39.73 4.71 15.60
C ARG A 407 -40.65 5.93 15.49
N ASN A 408 -41.90 5.80 15.91
CA ASN A 408 -42.88 6.88 15.71
C ASN A 408 -42.50 8.26 16.18
N LEU A 409 -41.98 8.38 17.40
CA LEU A 409 -41.64 9.72 17.87
C LEU A 409 -40.57 10.39 17.05
N ASP A 410 -39.52 9.64 16.68
CA ASP A 410 -38.44 10.21 15.89
C ASP A 410 -38.91 10.52 14.45
N ILE A 411 -39.82 9.70 13.91
CA ILE A 411 -40.38 9.96 12.58
C ILE A 411 -41.13 11.30 12.60
N THR A 412 -41.93 11.51 13.66
CA THR A 412 -42.63 12.78 13.82
C THR A 412 -41.61 13.93 13.87
N ASP A 413 -40.54 13.74 14.64
CA ASP A 413 -39.54 14.80 14.73
C ASP A 413 -38.91 15.11 13.36
N THR A 414 -38.65 14.08 12.58
CA THR A 414 -38.07 14.31 11.29
C THR A 414 -39.03 15.00 10.34
N ARG A 415 -40.32 14.67 10.43
N ARG A 415 -40.31 14.66 10.42
CA ARG A 415 -41.26 15.32 9.56
CA ARG A 415 -41.29 15.29 9.55
C ARG A 415 -41.28 16.80 9.90
C ARG A 415 -41.42 16.77 9.91
N GLU A 416 -41.30 17.08 11.21
CA GLU A 416 -41.33 18.47 11.67
C GLU A 416 -40.07 19.20 11.18
N LYS A 417 -38.92 18.51 11.16
CA LYS A 417 -37.71 19.14 10.62
C LYS A 417 -37.88 19.46 9.13
N LEU A 418 -38.50 18.55 8.38
CA LEU A 418 -38.68 18.81 6.96
C LEU A 418 -39.51 20.08 6.77
N PHE A 419 -40.54 20.26 7.60
CA PHE A 419 -41.35 21.47 7.51
C PHE A 419 -40.48 22.68 7.87
N GLY A 420 -39.67 22.53 8.91
CA GLY A 420 -38.78 23.59 9.34
C GLY A 420 -37.74 23.98 8.30
N TYR A 421 -37.18 22.99 7.60
CA TYR A 421 -36.19 23.29 6.58
C TYR A 421 -36.84 23.94 5.36
N ALA A 422 -38.09 23.59 5.08
CA ALA A 422 -38.78 24.20 3.93
C ALA A 422 -39.05 25.66 4.31
N LYS A 423 -39.43 25.91 5.55
CA LYS A 423 -39.69 27.27 6.01
C LYS A 423 -38.43 28.13 5.95
N THR A 424 -37.28 27.54 6.25
CA THR A 424 -36.05 28.32 6.24
C THR A 424 -35.29 28.30 4.90
N GLY A 425 -35.96 27.79 3.86
CA GLY A 425 -35.39 27.78 2.51
C GLY A 425 -34.43 26.68 2.05
N LEU A 426 -34.15 25.71 2.91
N LEU A 426 -34.14 25.72 2.93
CA LEU A 426 -33.23 24.65 2.52
CA LEU A 426 -33.23 24.63 2.58
C LEU A 426 -33.90 23.61 1.65
C LEU A 426 -33.89 23.59 1.69
N LEU A 427 -35.21 23.45 1.80
CA LEU A 427 -35.96 22.51 0.99
C LEU A 427 -36.97 23.36 0.24
N SER A 428 -37.30 22.98 -0.99
N SER A 428 -37.20 23.01 -1.03
CA SER A 428 -38.30 23.70 -1.78
CA SER A 428 -38.15 23.70 -1.90
C SER A 428 -39.60 23.52 -1.03
C SER A 428 -39.50 23.16 -1.54
N SER A 429 -39.82 22.28 -0.60
N SER A 429 -39.57 21.84 -1.52
CA SER A 429 -40.98 21.86 0.15
CA SER A 429 -40.77 21.11 -1.19
C SER A 429 -40.56 20.57 0.86
C SER A 429 -40.35 20.12 -0.12
N SER A 430 -41.35 20.18 1.85
N SER A 430 -41.23 19.91 0.86
CA SER A 430 -41.05 18.98 2.63
CA SER A 430 -40.96 18.99 1.95
C SER A 430 -41.46 17.69 1.91
C SER A 430 -41.46 17.61 1.57
N ALA A 431 -42.15 18.18 0.55
N ALA A 431 -41.84 16.83 2.58
CA ALA A 431 -42.81 17.21 -0.35
CA ALA A 431 -42.32 15.48 2.38
C ALA A 431 -42.48 17.49 -1.80
C ALA A 431 -43.79 15.40 1.97
N ALA A 432 -43.74 18.57 -2.54
N ALA A 432 -44.51 16.50 2.13
CA ALA A 432 -43.70 18.73 -4.00
CA ALA A 432 -45.93 16.54 1.82
C ALA A 432 -43.36 17.39 -4.65
C ALA A 432 -46.32 16.23 0.36
N SER A 433 -44.36 16.80 -5.33
N SER A 433 -45.67 16.90 -0.58
CA SER A 433 -44.23 15.51 -6.00
CA SER A 433 -45.98 16.74 -2.00
C SER A 433 -44.19 14.38 -4.98
C SER A 433 -45.29 15.55 -2.66
N GLY A 434 -43.77 14.72 -3.77
N GLY A 434 -44.35 14.93 -1.97
CA GLY A 434 -43.67 13.75 -2.70
CA GLY A 434 -43.65 13.80 -2.55
C GLY A 434 -42.25 13.67 -2.16
C GLY A 434 -42.21 13.75 -2.10
N VAL A 435 -41.28 13.76 -3.05
CA VAL A 435 -39.88 13.69 -2.68
C VAL A 435 -39.34 15.04 -2.21
N PRO A 436 -38.79 15.12 -0.97
CA PRO A 436 -38.25 16.42 -0.52
C PRO A 436 -37.18 16.88 -1.52
N GLN A 437 -37.17 18.19 -1.81
CA GLN A 437 -36.22 18.72 -2.76
C GLN A 437 -35.22 19.66 -2.08
N VAL A 438 -33.96 19.26 -2.06
CA VAL A 438 -32.94 20.08 -1.44
C VAL A 438 -32.60 21.25 -2.34
N GLU A 439 -32.54 22.43 -1.74
CA GLU A 439 -32.21 23.62 -2.49
C GLU A 439 -30.71 23.87 -2.61
N ASN A 440 -30.08 23.26 -3.63
CA ASN A 440 -28.69 23.51 -3.94
C ASN A 440 -28.52 23.38 -5.46
N LEU A 441 -27.33 23.70 -5.97
CA LEU A 441 -27.07 23.70 -7.42
C LEU A 441 -27.28 22.39 -8.15
N GLU A 442 -27.05 21.28 -7.47
CA GLU A 442 -27.20 19.97 -8.12
C GLU A 442 -28.66 19.57 -8.28
N ASN A 443 -29.59 20.40 -7.81
CA ASN A 443 -30.99 20.04 -7.95
C ASN A 443 -31.56 20.57 -9.25
N LYS A 444 -31.62 19.69 -10.24
CA LYS A 444 -32.12 20.01 -11.57
C LYS A 444 -33.64 19.79 -11.61
S SO4 B . 27.76 20.28 6.90
O1 SO4 B . 26.44 20.82 6.52
O2 SO4 B . 27.80 19.99 8.36
O3 SO4 B . 28.80 21.29 6.60
O4 SO4 B . 28.02 19.04 6.15
S SO4 C . -29.42 -18.83 16.09
O1 SO4 C . -29.06 -17.58 16.80
O2 SO4 C . -28.67 -19.96 16.69
O3 SO4 C . -29.08 -18.73 14.66
O4 SO4 C . -30.87 -19.05 16.24
S SO4 D . 16.51 -17.96 0.58
O1 SO4 D . 15.06 -18.06 0.93
O2 SO4 D . 17.12 -19.29 0.67
O3 SO4 D . 16.64 -17.43 -0.80
O4 SO4 D . 17.18 -17.04 1.52
S SO4 E . 4.15 6.33 -3.13
O1 SO4 E . 3.51 5.25 -2.35
O2 SO4 E . 4.94 5.75 -4.24
O3 SO4 E . 3.06 7.17 -3.71
O4 SO4 E . 5.02 7.19 -2.31
S SO4 F . 21.04 1.27 -14.07
O1 SO4 F . 20.11 0.14 -13.92
O2 SO4 F . 22.42 0.81 -13.87
O3 SO4 F . 20.91 1.82 -15.44
O4 SO4 F . 20.71 2.33 -13.09
C1 GOL G . 40.21 9.49 -11.70
O1 GOL G . 40.88 9.09 -10.29
C2 GOL G . 39.73 10.76 -12.04
O2 GOL G . 40.71 11.53 -12.57
C3 GOL G . 38.56 10.84 -11.77
O3 GOL G . 37.12 11.44 -11.64
#